data_1LPA
#
_entry.id   1LPA
#
_cell.length_a   133.400
_cell.length_b   133.400
_cell.length_c   92.600
_cell.angle_alpha   90.00
_cell.angle_beta   90.00
_cell.angle_gamma   90.00
#
_symmetry.space_group_name_H-M   'P 42 21 2'
#
loop_
_entity.id
_entity.type
_entity.pdbx_description
1 polymer COLIPASE
2 polymer LIPASE
3 non-polymer 'nonyl beta-D-glucopyranoside'
4 non-polymer 'CALCIUM ION'
5 non-polymer 'DIUNDECYL PHOSPHATIDYL CHOLINE'
#
loop_
_entity_poly.entity_id
_entity_poly.type
_entity_poly.pdbx_seq_one_letter_code
_entity_poly.pdbx_strand_id
1 'polypeptide(L)'
;VPDPRGIIINLDEGELCLNSAQCKSNCCQHDTILSLLRCALKARENSECSAFTLYGVYYKCPCERGLTCEGDKSLVGSIT
NTNFGICHNVGRSDS
;
A
2 'polypeptide(L)'
;KEVCYERLGCFSDDSPWSGITERPLHILPWSPKDVNTRFLLYTNENPNNFQEVAADSSSISGSNFKTNRKTRFIIHGFID
KGEENWLANVCKNLFKVESVNCICVDWKGGSRTGYTQASQNIRIVGAEVAYFVEFLQSAFGYSPSNVHVIGHSLGAHAAG
EAGRRTNGTIGRITGLDPAEPCFQGTPELVRLDPSDAKFVDVIHTDGAPIVPNLGFGMSQVVGHLDFFPNGGVEMPGCKK
NILSQIVDIDGIWEGTRDFAACNHLRSYKYYTDSIVNPDGFAGFPCASYNVFTANKCFPCPSGGCPQMGHYADRYPGKTN
DVGQKFYLDTGDASNFARWRYKVSVTLSGKKVTGHILVSLFGNKGNSKQYEIFKGTLKPDSTHSNEFDSDVDVGDLQMVK
FIWYNNVINPTLPRVGASKIIVETNVGKQFNFCSPETVREEVLLTLTPC
;
B
#
# COMPACT_ATOMS: atom_id res chain seq x y z
N GLY A 6 -11.35 -15.58 -6.15
CA GLY A 6 -12.21 -16.73 -5.87
C GLY A 6 -13.37 -16.73 -6.89
N ILE A 7 -14.19 -17.77 -7.15
CA ILE A 7 -15.16 -17.67 -8.25
C ILE A 7 -16.67 -17.60 -7.98
N ILE A 8 -17.25 -18.55 -7.24
CA ILE A 8 -18.66 -18.54 -6.88
C ILE A 8 -18.89 -19.24 -5.50
N ILE A 9 -17.81 -19.82 -5.00
CA ILE A 9 -17.74 -20.32 -3.66
C ILE A 9 -16.29 -19.99 -3.30
N ASN A 10 -15.95 -19.93 -2.01
CA ASN A 10 -14.63 -19.57 -1.52
C ASN A 10 -14.28 -18.21 -2.03
N LEU A 11 -15.24 -17.32 -1.79
CA LEU A 11 -15.04 -15.95 -2.16
C LEU A 11 -14.26 -15.19 -1.07
N ASP A 12 -13.37 -14.37 -1.59
CA ASP A 12 -12.46 -13.55 -0.83
C ASP A 12 -13.30 -12.33 -0.53
N GLU A 13 -12.80 -11.66 0.48
CA GLU A 13 -13.46 -10.50 1.02
C GLU A 13 -13.27 -9.48 -0.08
N GLY A 14 -14.38 -8.82 -0.41
CA GLY A 14 -14.42 -7.83 -1.48
C GLY A 14 -15.04 -8.39 -2.75
N GLU A 15 -15.06 -9.73 -2.91
CA GLU A 15 -15.71 -10.36 -4.04
C GLU A 15 -17.21 -10.22 -3.84
N LEU A 16 -17.93 -9.97 -4.95
CA LEU A 16 -19.38 -9.72 -4.97
C LEU A 16 -20.08 -11.02 -4.66
N CYS A 17 -21.11 -10.83 -3.87
CA CYS A 17 -21.62 -11.92 -3.09
C CYS A 17 -23.13 -12.04 -3.13
N LEU A 18 -23.79 -13.18 -3.34
CA LEU A 18 -25.25 -13.23 -3.34
C LEU A 18 -25.79 -13.94 -2.10
N ASN A 19 -24.93 -14.70 -1.46
CA ASN A 19 -25.27 -15.42 -0.28
C ASN A 19 -24.00 -15.62 0.55
N SER A 20 -24.13 -15.49 1.86
CA SER A 20 -22.99 -15.64 2.71
C SER A 20 -22.22 -16.93 2.62
N ALA A 21 -22.75 -18.09 2.22
CA ALA A 21 -21.92 -19.31 2.19
C ALA A 21 -20.95 -19.29 1.03
N GLN A 22 -21.10 -18.30 0.15
CA GLN A 22 -20.18 -18.17 -0.93
C GLN A 22 -18.84 -17.72 -0.35
N CYS A 23 -18.95 -16.82 0.62
CA CYS A 23 -17.83 -16.16 1.23
C CYS A 23 -17.09 -17.04 2.20
N LYS A 24 -15.78 -16.92 2.13
CA LYS A 24 -14.93 -17.68 3.03
C LYS A 24 -15.23 -17.33 4.47
N SER A 25 -15.38 -16.02 4.76
CA SER A 25 -15.84 -15.53 6.06
C SER A 25 -17.32 -15.81 5.87
N ASN A 26 -18.17 -16.40 6.65
CA ASN A 26 -19.48 -16.66 6.08
C ASN A 26 -20.17 -15.37 6.37
N CYS A 27 -20.01 -14.37 5.52
CA CYS A 27 -20.57 -13.07 5.71
C CYS A 27 -20.51 -12.32 4.43
N CYS A 28 -21.69 -12.23 3.83
CA CYS A 28 -21.93 -11.39 2.70
C CYS A 28 -22.53 -10.19 3.41
N GLN A 29 -22.25 -8.96 3.06
CA GLN A 29 -22.79 -7.84 3.80
C GLN A 29 -22.99 -6.73 2.80
N HIS A 30 -23.76 -5.70 3.15
CA HIS A 30 -23.92 -4.47 2.37
C HIS A 30 -24.41 -3.39 3.31
N ASP A 31 -24.06 -2.15 2.99
CA ASP A 31 -24.43 -1.06 3.88
C ASP A 31 -25.92 -0.97 3.95
N THR A 32 -26.57 -0.72 2.82
CA THR A 32 -27.99 -0.54 2.90
C THR A 32 -28.71 -1.60 2.12
N ILE A 33 -30.02 -1.39 2.04
CA ILE A 33 -30.89 -2.29 1.33
C ILE A 33 -30.53 -2.45 -0.14
N LEU A 34 -30.68 -1.45 -1.00
CA LEU A 34 -30.37 -1.70 -2.39
C LEU A 34 -28.90 -1.35 -2.44
N SER A 35 -28.03 -2.27 -2.00
CA SER A 35 -26.58 -2.08 -2.06
C SER A 35 -25.98 -3.40 -2.51
N LEU A 36 -24.89 -3.38 -3.29
CA LEU A 36 -24.23 -4.60 -3.71
C LEU A 36 -23.57 -5.18 -2.47
N LEU A 37 -23.82 -6.47 -2.40
CA LEU A 37 -23.50 -7.34 -1.30
C LEU A 37 -22.16 -7.89 -1.72
N ARG A 38 -21.12 -7.76 -0.89
CA ARG A 38 -19.84 -8.40 -1.16
C ARG A 38 -19.23 -8.84 0.17
N CYS A 39 -18.48 -9.98 0.14
CA CYS A 39 -17.90 -10.63 1.30
C CYS A 39 -17.11 -9.74 2.21
N ALA A 40 -17.36 -9.91 3.49
CA ALA A 40 -16.70 -9.13 4.51
C ALA A 40 -16.44 -9.98 5.75
N LEU A 41 -15.76 -9.25 6.64
CA LEU A 41 -15.37 -9.61 7.99
C LEU A 41 -16.39 -10.33 8.86
N LYS A 42 -16.01 -11.24 9.74
CA LYS A 42 -16.91 -11.51 10.83
C LYS A 42 -16.43 -10.42 11.82
N ALA A 43 -17.31 -9.96 12.67
CA ALA A 43 -17.00 -8.90 13.60
C ALA A 43 -16.17 -9.36 14.78
N ARG A 44 -15.46 -8.36 15.26
CA ARG A 44 -14.53 -8.58 16.33
C ARG A 44 -15.12 -8.12 17.65
N GLU A 45 -14.34 -8.30 18.69
CA GLU A 45 -14.85 -7.93 20.00
C GLU A 45 -15.00 -6.42 19.96
N ASN A 46 -16.17 -6.02 20.44
CA ASN A 46 -16.56 -4.63 20.59
C ASN A 46 -16.95 -3.94 19.30
N SER A 47 -17.18 -4.68 18.21
CA SER A 47 -17.78 -4.05 17.05
C SER A 47 -19.23 -4.52 16.89
N GLU A 48 -20.07 -3.71 16.25
CA GLU A 48 -21.42 -4.12 15.96
C GLU A 48 -21.46 -5.42 15.16
N CYS A 49 -22.61 -6.09 15.20
CA CYS A 49 -22.79 -7.39 14.61
C CYS A 49 -24.26 -7.67 14.48
N SER A 50 -24.65 -8.60 13.64
CA SER A 50 -26.00 -9.10 13.65
C SER A 50 -25.90 -10.54 14.17
N ALA A 51 -26.98 -11.14 14.66
CA ALA A 51 -26.98 -12.56 15.01
C ALA A 51 -27.21 -13.33 13.71
N PHE A 52 -26.80 -14.58 13.53
CA PHE A 52 -27.02 -15.29 12.26
C PHE A 52 -28.45 -15.18 11.74
N THR A 53 -28.65 -14.94 10.44
CA THR A 53 -29.99 -14.74 9.88
C THR A 53 -30.41 -15.77 8.84
N LEU A 54 -31.71 -15.72 8.51
CA LEU A 54 -32.29 -16.57 7.45
C LEU A 54 -32.04 -15.98 6.07
N TYR A 55 -32.18 -14.64 6.10
CA TYR A 55 -32.18 -13.76 4.95
C TYR A 55 -30.99 -13.85 3.98
N GLY A 56 -29.81 -14.42 4.34
CA GLY A 56 -28.73 -14.59 3.37
C GLY A 56 -27.60 -13.56 3.36
N VAL A 57 -27.84 -12.25 3.30
CA VAL A 57 -26.75 -11.28 3.37
C VAL A 57 -27.07 -10.34 4.52
N TYR A 58 -26.00 -9.97 5.21
CA TYR A 58 -26.02 -9.16 6.41
C TYR A 58 -25.91 -7.66 6.20
N TYR A 59 -26.33 -6.82 7.15
CA TYR A 59 -25.96 -5.42 7.07
C TYR A 59 -24.80 -5.32 8.05
N LYS A 60 -24.74 -6.17 9.09
CA LYS A 60 -23.63 -6.24 10.05
C LYS A 60 -23.28 -7.72 10.21
N CYS A 61 -22.04 -8.10 9.95
CA CYS A 61 -21.60 -9.47 10.08
C CYS A 61 -21.71 -10.00 11.49
N PRO A 62 -21.74 -11.32 11.66
CA PRO A 62 -21.69 -11.97 12.96
C PRO A 62 -20.26 -11.97 13.48
N CYS A 63 -20.07 -12.26 14.77
CA CYS A 63 -18.78 -12.26 15.44
C CYS A 63 -17.84 -13.44 15.24
N GLU A 64 -16.60 -13.19 15.65
CA GLU A 64 -15.57 -14.20 15.63
C GLU A 64 -15.97 -15.25 16.63
N ARG A 65 -15.15 -16.27 16.78
CA ARG A 65 -15.52 -17.30 17.71
C ARG A 65 -15.16 -16.90 19.14
N GLY A 66 -15.86 -17.55 20.08
CA GLY A 66 -15.79 -17.29 21.49
C GLY A 66 -16.64 -16.09 21.91
N LEU A 67 -17.18 -15.37 20.93
CA LEU A 67 -17.84 -14.08 21.06
C LEU A 67 -19.35 -14.17 20.80
N THR A 68 -20.13 -13.27 21.42
CA THR A 68 -21.59 -13.26 21.45
C THR A 68 -22.07 -11.88 20.99
N CYS A 69 -22.88 -11.80 19.91
CA CYS A 69 -23.43 -10.52 19.43
C CYS A 69 -24.54 -10.08 20.37
N GLU A 70 -24.24 -9.27 21.37
CA GLU A 70 -25.22 -8.97 22.37
C GLU A 70 -26.07 -7.79 22.01
N GLY A 71 -27.35 -8.12 21.89
CA GLY A 71 -28.41 -7.16 21.56
C GLY A 71 -29.78 -7.83 21.65
N ASP A 72 -30.88 -7.16 21.24
CA ASP A 72 -32.16 -7.85 21.36
C ASP A 72 -32.63 -8.49 20.08
N LYS A 73 -32.38 -9.78 20.29
CA LYS A 73 -32.68 -10.81 19.35
C LYS A 73 -34.19 -11.05 19.36
N SER A 74 -34.78 -11.47 20.50
CA SER A 74 -36.18 -11.93 20.65
C SER A 74 -37.32 -11.45 19.73
N LEU A 75 -37.11 -10.15 19.42
CA LEU A 75 -37.97 -9.34 18.59
C LEU A 75 -38.10 -9.83 17.16
N VAL A 76 -39.28 -10.32 16.75
CA VAL A 76 -39.52 -10.64 15.34
C VAL A 76 -39.68 -9.26 14.71
N GLY A 77 -38.94 -9.02 13.65
CA GLY A 77 -38.86 -7.69 13.10
C GLY A 77 -37.38 -7.39 13.05
N SER A 78 -36.72 -7.54 14.20
CA SER A 78 -35.27 -7.47 14.23
C SER A 78 -34.90 -8.85 13.66
N ILE A 79 -35.65 -9.90 14.02
CA ILE A 79 -35.56 -11.19 13.38
C ILE A 79 -36.42 -10.96 12.15
N THR A 80 -35.72 -10.37 11.19
CA THR A 80 -36.06 -9.97 9.83
C THR A 80 -34.68 -9.41 9.45
N ASN A 81 -34.33 -8.11 9.54
CA ASN A 81 -33.04 -7.63 9.06
C ASN A 81 -32.17 -6.79 10.00
N THR A 82 -32.71 -6.32 11.12
CA THR A 82 -32.02 -5.42 12.02
C THR A 82 -31.71 -5.93 13.40
N ASN A 83 -31.48 -7.22 13.53
CA ASN A 83 -31.10 -7.86 14.78
C ASN A 83 -29.69 -7.42 15.13
N PHE A 84 -29.37 -6.17 15.47
CA PHE A 84 -27.96 -5.81 15.67
C PHE A 84 -27.49 -5.93 17.12
N GLY A 85 -26.19 -5.90 17.37
CA GLY A 85 -25.63 -6.02 18.71
C GLY A 85 -24.17 -5.62 18.71
N ILE A 86 -23.40 -5.94 19.74
CA ILE A 86 -21.99 -5.58 19.81
C ILE A 86 -21.27 -6.87 20.20
N CYS A 87 -20.10 -7.24 19.69
CA CYS A 87 -19.57 -8.54 20.04
C CYS A 87 -18.97 -8.62 21.42
N HIS A 88 -19.61 -9.23 22.40
CA HIS A 88 -19.09 -9.32 23.73
C HIS A 88 -18.61 -10.70 23.95
N ASN A 89 -17.65 -10.92 24.85
CA ASN A 89 -17.12 -12.25 25.13
C ASN A 89 -18.09 -12.57 26.24
N VAL A 90 -18.98 -13.53 25.90
CA VAL A 90 -20.22 -13.90 26.61
C VAL A 90 -20.98 -12.58 26.79
N LYS B 1 20.93 10.56 -34.74
CA LYS B 1 19.88 11.31 -35.39
C LYS B 1 19.46 12.18 -34.25
N GLU B 2 19.76 13.47 -34.30
CA GLU B 2 19.46 14.35 -33.20
C GLU B 2 18.27 15.12 -33.63
N VAL B 3 17.64 15.71 -32.65
CA VAL B 3 16.43 16.43 -32.87
C VAL B 3 16.59 17.51 -31.80
N CYS B 4 16.73 18.79 -32.11
CA CYS B 4 16.90 19.79 -31.07
C CYS B 4 15.68 20.66 -30.93
N TYR B 5 15.34 21.10 -29.74
CA TYR B 5 14.22 21.98 -29.57
C TYR B 5 14.80 23.12 -28.75
N GLU B 6 14.09 24.26 -28.83
CA GLU B 6 14.36 25.46 -28.08
C GLU B 6 14.06 25.17 -26.61
N ARG B 7 14.75 25.68 -25.60
CA ARG B 7 14.60 25.42 -24.16
C ARG B 7 15.01 24.01 -23.78
N LEU B 8 14.58 22.96 -24.47
CA LEU B 8 14.94 21.61 -24.09
C LEU B 8 16.18 20.99 -24.69
N GLY B 9 16.70 21.40 -25.84
CA GLY B 9 17.96 20.84 -26.30
C GLY B 9 17.71 19.71 -27.28
N CYS B 10 18.78 18.98 -27.53
CA CYS B 10 18.70 17.94 -28.52
C CYS B 10 18.47 16.54 -27.96
N PHE B 11 17.83 15.67 -28.75
CA PHE B 11 17.46 14.34 -28.37
C PHE B 11 17.98 13.49 -29.48
N SER B 12 18.79 12.45 -29.24
CA SER B 12 19.24 11.59 -30.31
C SER B 12 18.95 10.13 -30.05
N ASP B 13 18.59 9.32 -31.04
CA ASP B 13 18.36 7.90 -30.84
C ASP B 13 19.65 7.10 -30.70
N ASP B 14 20.73 7.66 -30.21
CA ASP B 14 22.00 6.93 -30.19
C ASP B 14 21.93 6.03 -28.97
N SER B 15 22.79 5.02 -28.87
CA SER B 15 22.82 4.23 -27.69
C SER B 15 23.20 5.11 -26.52
N PRO B 16 22.67 4.83 -25.32
CA PRO B 16 21.83 3.70 -25.06
C PRO B 16 20.38 4.06 -25.23
N TRP B 17 20.02 5.20 -25.81
CA TRP B 17 18.63 5.54 -26.01
C TRP B 17 18.02 4.62 -27.04
N SER B 18 18.76 4.17 -28.02
CA SER B 18 18.25 3.12 -28.87
C SER B 18 19.38 2.21 -29.25
N GLY B 19 19.03 1.02 -29.73
CA GLY B 19 20.00 0.07 -30.23
C GLY B 19 20.67 -0.74 -29.14
N ILE B 20 19.98 -1.06 -28.06
CA ILE B 20 20.55 -1.95 -27.09
C ILE B 20 19.54 -3.07 -27.04
N THR B 21 19.86 -4.18 -26.38
CA THR B 21 19.00 -5.35 -26.35
C THR B 21 17.68 -4.97 -25.79
N GLU B 22 17.78 -4.15 -24.76
CA GLU B 22 16.59 -3.69 -24.12
C GLU B 22 15.83 -2.68 -24.93
N ARG B 23 16.44 -1.96 -25.86
CA ARG B 23 15.75 -0.88 -26.56
C ARG B 23 16.15 -1.00 -28.01
N PRO B 24 15.53 -1.81 -28.85
CA PRO B 24 16.02 -2.07 -30.20
C PRO B 24 15.70 -0.95 -31.16
N LEU B 25 14.43 -0.55 -31.09
CA LEU B 25 13.91 0.50 -31.93
C LEU B 25 14.57 1.87 -31.76
N HIS B 26 14.84 2.47 -32.91
CA HIS B 26 15.45 3.78 -32.96
C HIS B 26 14.34 4.79 -32.96
N ILE B 27 13.80 5.29 -31.88
CA ILE B 27 12.73 6.25 -32.04
C ILE B 27 13.16 7.48 -31.29
N LEU B 28 12.67 8.62 -31.74
CA LEU B 28 13.01 9.85 -31.11
C LEU B 28 11.80 10.26 -30.29
N PRO B 29 11.99 11.05 -29.24
CA PRO B 29 10.94 11.81 -28.62
C PRO B 29 10.23 12.56 -29.71
N TRP B 30 8.97 12.63 -29.44
CA TRP B 30 8.22 13.58 -30.17
C TRP B 30 8.66 14.97 -29.67
N SER B 31 7.86 15.78 -30.33
CA SER B 31 7.30 16.95 -29.76
C SER B 31 7.81 18.32 -29.75
N PRO B 32 8.31 18.96 -28.64
CA PRO B 32 7.59 19.53 -27.52
C PRO B 32 6.18 20.02 -27.70
N LYS B 33 5.79 20.46 -28.89
CA LYS B 33 4.47 20.95 -29.17
C LYS B 33 3.42 19.83 -28.98
N ASP B 34 3.75 18.58 -29.29
CA ASP B 34 2.82 17.47 -29.25
C ASP B 34 2.62 16.79 -27.91
N VAL B 35 3.68 16.33 -27.24
CA VAL B 35 3.67 15.80 -25.88
C VAL B 35 2.88 16.78 -25.01
N ASN B 36 3.26 18.04 -25.17
CA ASN B 36 2.53 19.15 -24.60
C ASN B 36 2.32 19.05 -23.12
N THR B 37 3.44 19.28 -22.41
CA THR B 37 3.47 19.15 -20.96
C THR B 37 2.85 20.37 -20.35
N ARG B 38 2.12 20.22 -19.23
CA ARG B 38 1.50 21.31 -18.53
C ARG B 38 1.61 20.92 -17.07
N PHE B 39 1.71 21.97 -16.30
CA PHE B 39 1.96 21.95 -14.89
C PHE B 39 0.68 22.53 -14.30
N LEU B 40 -0.08 21.69 -13.61
CA LEU B 40 -1.39 22.09 -13.15
C LEU B 40 -1.18 22.34 -11.68
N LEU B 41 -1.08 23.59 -11.22
CA LEU B 41 -0.71 23.88 -9.82
C LEU B 41 -1.85 23.78 -8.84
N TYR B 42 -1.77 22.99 -7.75
CA TYR B 42 -2.80 22.99 -6.70
C TYR B 42 -2.09 23.32 -5.40
N THR B 43 -2.63 24.13 -4.50
CA THR B 43 -1.94 24.46 -3.25
C THR B 43 -3.00 24.46 -2.19
N ASN B 44 -2.57 24.58 -0.94
CA ASN B 44 -3.50 24.65 0.18
C ASN B 44 -4.54 25.76 -0.02
N GLU B 45 -4.08 26.84 -0.68
CA GLU B 45 -4.92 27.97 -1.06
C GLU B 45 -5.97 27.56 -2.08
N ASN B 46 -5.51 26.84 -3.11
CA ASN B 46 -6.41 26.37 -4.14
C ASN B 46 -6.36 24.86 -4.25
N PRO B 47 -7.01 24.18 -3.29
CA PRO B 47 -7.03 22.73 -3.16
C PRO B 47 -7.88 22.01 -4.18
N ASN B 48 -8.73 22.71 -4.93
CA ASN B 48 -9.73 22.09 -5.77
C ASN B 48 -9.64 22.40 -7.21
N ASN B 49 -9.02 23.52 -7.54
CA ASN B 49 -8.92 23.89 -8.92
C ASN B 49 -7.47 24.11 -9.05
N PHE B 50 -6.84 23.39 -9.96
CA PHE B 50 -5.47 23.69 -10.26
C PHE B 50 -5.46 24.98 -11.05
N GLN B 51 -4.34 25.66 -11.15
CA GLN B 51 -4.19 26.81 -12.07
C GLN B 51 -2.95 26.42 -12.80
N GLU B 52 -3.08 26.53 -14.11
CA GLU B 52 -2.04 26.05 -14.97
C GLU B 52 -0.95 27.09 -14.93
N VAL B 53 0.29 26.62 -14.88
CA VAL B 53 1.44 27.49 -14.81
C VAL B 53 2.53 27.03 -15.77
N ALA B 54 3.55 27.87 -15.85
CA ALA B 54 4.65 27.61 -16.73
C ALA B 54 5.90 28.27 -16.23
N ALA B 55 7.00 27.92 -16.90
CA ALA B 55 8.28 28.45 -16.54
C ALA B 55 8.59 29.89 -16.97
N ASP B 56 7.83 30.83 -16.42
CA ASP B 56 8.04 32.25 -16.67
C ASP B 56 7.52 32.90 -15.42
N SER B 57 8.18 34.02 -15.13
CA SER B 57 7.90 34.75 -13.91
C SER B 57 6.48 35.22 -13.84
N SER B 58 5.78 35.69 -14.87
CA SER B 58 4.41 36.15 -14.73
C SER B 58 3.39 35.10 -14.37
N SER B 59 3.65 33.82 -14.72
CA SER B 59 2.83 32.67 -14.35
C SER B 59 3.13 32.36 -12.90
N ILE B 60 4.38 32.09 -12.50
CA ILE B 60 4.67 31.80 -11.11
C ILE B 60 4.14 32.96 -10.24
N SER B 61 4.37 34.22 -10.62
CA SER B 61 3.92 35.38 -9.89
C SER B 61 2.39 35.49 -9.74
N GLY B 62 1.69 35.07 -10.77
CA GLY B 62 0.28 35.25 -10.72
C GLY B 62 -0.43 34.11 -10.06
N SER B 63 0.27 33.23 -9.33
CA SER B 63 -0.41 32.07 -8.82
C SER B 63 -0.03 31.87 -7.38
N ASN B 64 -0.63 30.81 -6.80
CA ASN B 64 -0.49 30.43 -5.40
C ASN B 64 0.78 29.71 -5.04
N PHE B 65 1.74 29.63 -5.96
CA PHE B 65 2.98 28.95 -5.69
C PHE B 65 3.72 29.91 -4.77
N LYS B 66 4.22 29.39 -3.68
CA LYS B 66 5.02 30.15 -2.74
C LYS B 66 6.39 29.53 -2.69
N THR B 67 7.45 30.33 -2.81
CA THR B 67 8.80 29.79 -2.69
C THR B 67 9.14 29.46 -1.23
N ASN B 68 8.29 29.82 -0.27
CA ASN B 68 8.57 29.51 1.10
C ASN B 68 8.14 28.09 1.42
N ARG B 69 7.44 27.33 0.57
CA ARG B 69 7.06 25.99 0.96
C ARG B 69 7.67 24.97 -0.04
N LYS B 70 7.55 23.63 0.13
CA LYS B 70 8.11 22.61 -0.79
C LYS B 70 7.25 22.44 -2.02
N THR B 71 7.79 21.79 -3.04
CA THR B 71 7.08 21.61 -4.28
C THR B 71 7.23 20.14 -4.59
N ARG B 72 6.07 19.54 -4.77
CA ARG B 72 5.98 18.13 -5.03
C ARG B 72 5.36 17.93 -6.42
N PHE B 73 6.10 17.50 -7.42
CA PHE B 73 5.57 17.32 -8.76
C PHE B 73 5.08 15.89 -8.84
N ILE B 74 3.89 15.63 -9.39
CA ILE B 74 3.40 14.28 -9.53
C ILE B 74 3.38 14.01 -11.02
N ILE B 75 4.00 12.95 -11.50
CA ILE B 75 4.04 12.66 -12.93
C ILE B 75 3.34 11.33 -13.13
N HIS B 76 2.48 11.24 -14.12
CA HIS B 76 1.71 10.03 -14.36
C HIS B 76 2.42 9.18 -15.42
N GLY B 77 1.88 8.00 -15.71
CA GLY B 77 2.54 7.11 -16.63
C GLY B 77 1.79 7.00 -17.93
N PHE B 78 1.94 5.82 -18.50
CA PHE B 78 1.36 5.46 -19.78
C PHE B 78 -0.15 5.62 -19.78
N ILE B 79 -0.73 6.13 -20.86
CA ILE B 79 -2.15 6.26 -20.99
C ILE B 79 -2.76 7.30 -20.04
N ASP B 80 -2.42 7.63 -18.79
CA ASP B 80 -3.09 8.69 -18.06
C ASP B 80 -2.82 10.15 -18.55
N LYS B 81 -3.49 11.11 -17.90
CA LYS B 81 -3.41 12.54 -18.08
C LYS B 81 -3.18 13.09 -16.68
N GLY B 82 -2.58 14.26 -16.50
CA GLY B 82 -2.41 14.85 -15.18
C GLY B 82 -3.71 15.25 -14.47
N GLU B 83 -4.82 15.19 -15.20
CA GLU B 83 -6.08 15.55 -14.59
C GLU B 83 -6.69 14.32 -13.95
N GLU B 84 -6.06 13.16 -13.98
CA GLU B 84 -6.67 11.99 -13.40
C GLU B 84 -6.69 12.21 -11.88
N ASN B 85 -7.72 11.66 -11.27
CA ASN B 85 -8.01 11.92 -9.89
C ASN B 85 -6.96 11.45 -8.96
N TRP B 86 -6.13 10.46 -9.28
CA TRP B 86 -5.13 10.05 -8.31
C TRP B 86 -4.03 11.09 -8.13
N LEU B 87 -3.81 11.98 -9.11
CA LEU B 87 -2.79 12.98 -8.94
C LEU B 87 -3.43 13.99 -8.02
N ALA B 88 -4.64 14.44 -8.28
CA ALA B 88 -5.28 15.40 -7.41
C ALA B 88 -5.44 14.89 -6.02
N ASN B 89 -5.63 13.58 -5.80
CA ASN B 89 -5.87 13.07 -4.46
C ASN B 89 -4.63 12.82 -3.63
N VAL B 90 -3.42 12.75 -4.24
CA VAL B 90 -2.16 12.75 -3.51
C VAL B 90 -2.12 14.18 -3.01
N CYS B 91 -2.42 15.21 -3.80
CA CYS B 91 -2.41 16.57 -3.30
C CYS B 91 -3.38 16.70 -2.17
N LYS B 92 -4.65 16.33 -2.37
CA LYS B 92 -5.67 16.47 -1.35
C LYS B 92 -5.20 15.80 -0.09
N ASN B 93 -4.40 14.75 -0.18
CA ASN B 93 -3.91 14.19 1.06
C ASN B 93 -2.74 14.98 1.60
N LEU B 94 -1.81 15.41 0.76
CA LEU B 94 -0.67 16.20 1.21
C LEU B 94 -1.10 17.42 1.98
N PHE B 95 -2.13 18.17 1.55
CA PHE B 95 -2.61 19.37 2.24
C PHE B 95 -3.11 19.14 3.68
N LYS B 96 -3.45 17.90 4.05
CA LYS B 96 -3.89 17.53 5.40
C LYS B 96 -2.70 17.53 6.32
N VAL B 97 -1.52 17.41 5.76
CA VAL B 97 -0.34 17.36 6.59
C VAL B 97 0.66 18.43 6.22
N GLU B 98 0.46 19.34 5.24
CA GLU B 98 1.42 20.40 4.93
C GLU B 98 0.96 21.46 3.97
N SER B 99 1.84 22.46 3.85
CA SER B 99 1.70 23.58 2.94
C SER B 99 2.72 23.22 1.88
N VAL B 100 2.19 22.98 0.70
CA VAL B 100 3.02 22.42 -0.34
C VAL B 100 2.51 22.99 -1.65
N ASN B 101 3.36 23.16 -2.66
CA ASN B 101 2.92 23.55 -4.01
C ASN B 101 2.82 22.21 -4.72
N CYS B 102 1.65 21.76 -5.14
CA CYS B 102 1.52 20.42 -5.68
C CYS B 102 1.37 20.61 -7.18
N ILE B 103 2.40 20.26 -7.96
CA ILE B 103 2.25 20.46 -9.39
C ILE B 103 2.01 19.14 -10.11
N CYS B 104 0.82 18.93 -10.67
CA CYS B 104 0.51 17.73 -11.40
C CYS B 104 1.06 17.86 -12.81
N VAL B 105 1.95 17.03 -13.31
CA VAL B 105 2.48 17.18 -14.64
C VAL B 105 1.64 16.31 -15.58
N ASP B 106 1.00 17.04 -16.49
CA ASP B 106 0.22 16.43 -17.53
C ASP B 106 1.13 16.39 -18.72
N TRP B 107 1.25 15.16 -19.32
CA TRP B 107 1.84 14.90 -20.62
C TRP B 107 1.00 13.94 -21.45
N LYS B 108 -0.33 13.94 -21.31
CA LYS B 108 -1.17 13.04 -22.07
C LYS B 108 -1.04 13.19 -23.59
N GLY B 109 -0.66 14.31 -24.21
CA GLY B 109 -0.45 14.31 -25.65
C GLY B 109 0.67 13.34 -26.03
N GLY B 110 1.58 13.09 -25.13
CA GLY B 110 2.61 12.13 -25.39
C GLY B 110 2.31 10.84 -24.69
N SER B 111 1.27 10.66 -23.85
CA SER B 111 1.12 9.36 -23.21
C SER B 111 0.09 8.44 -23.78
N ARG B 112 -0.88 8.96 -24.50
CA ARG B 112 -1.91 8.17 -25.14
C ARG B 112 -1.49 7.90 -26.60
N THR B 113 -0.53 7.00 -26.85
CA THR B 113 0.03 6.64 -28.15
C THR B 113 0.72 5.29 -28.00
N GLY B 114 1.39 4.67 -28.99
CA GLY B 114 2.06 3.39 -28.76
C GLY B 114 3.04 3.41 -27.57
N TYR B 115 3.16 2.34 -26.77
CA TYR B 115 4.08 2.30 -25.62
C TYR B 115 5.51 2.65 -25.98
N THR B 116 6.10 2.03 -26.98
CA THR B 116 7.44 2.36 -27.43
C THR B 116 7.61 3.87 -27.70
N GLN B 117 6.60 4.63 -28.16
CA GLN B 117 6.78 6.05 -28.35
C GLN B 117 6.58 6.70 -26.99
N ALA B 118 5.60 6.33 -26.15
CA ALA B 118 5.45 6.90 -24.82
C ALA B 118 6.71 6.76 -23.95
N SER B 119 7.51 5.69 -24.10
CA SER B 119 8.80 5.48 -23.44
C SER B 119 9.85 6.51 -23.85
N GLN B 120 9.81 6.98 -25.11
CA GLN B 120 10.71 8.02 -25.56
C GLN B 120 10.16 9.39 -25.14
N ASN B 121 8.84 9.65 -25.16
CA ASN B 121 8.28 10.98 -24.88
C ASN B 121 8.60 11.43 -23.49
N ILE B 122 8.86 10.44 -22.66
CA ILE B 122 9.36 10.62 -21.31
C ILE B 122 10.43 11.67 -21.18
N ARG B 123 11.32 11.62 -22.18
CA ARG B 123 12.51 12.46 -22.31
C ARG B 123 12.13 13.92 -22.40
N ILE B 124 11.13 14.25 -23.22
CA ILE B 124 10.64 15.62 -23.33
C ILE B 124 10.04 15.93 -21.97
N VAL B 125 9.31 15.02 -21.29
CA VAL B 125 8.69 15.34 -20.00
C VAL B 125 9.76 15.60 -18.95
N GLY B 126 10.82 14.80 -18.88
CA GLY B 126 11.88 15.02 -17.91
C GLY B 126 12.61 16.31 -18.22
N ALA B 127 12.78 16.62 -19.51
CA ALA B 127 13.45 17.82 -19.96
C ALA B 127 12.64 19.04 -19.52
N GLU B 128 11.32 18.90 -19.66
CA GLU B 128 10.34 19.92 -19.34
C GLU B 128 10.20 20.22 -17.83
N VAL B 129 10.20 19.19 -17.00
CA VAL B 129 10.24 19.34 -15.55
C VAL B 129 11.60 19.92 -15.13
N ALA B 130 12.75 19.61 -15.77
CA ALA B 130 14.05 20.12 -15.34
C ALA B 130 14.02 21.60 -15.52
N TYR B 131 13.69 22.08 -16.72
CA TYR B 131 13.64 23.49 -17.07
C TYR B 131 12.80 24.27 -16.07
N PHE B 132 11.67 23.75 -15.58
CA PHE B 132 10.89 24.50 -14.60
C PHE B 132 11.65 24.53 -13.28
N VAL B 133 12.31 23.46 -12.89
CA VAL B 133 13.08 23.51 -11.66
C VAL B 133 14.30 24.43 -11.81
N GLU B 134 14.91 24.53 -13.00
CA GLU B 134 16.09 25.36 -13.24
C GLU B 134 15.57 26.77 -13.09
N PHE B 135 14.51 27.07 -13.78
CA PHE B 135 13.92 28.39 -13.72
C PHE B 135 13.44 28.77 -12.31
N LEU B 136 13.03 27.92 -11.37
CA LEU B 136 12.64 28.44 -10.05
C LEU B 136 13.92 28.88 -9.35
N GLN B 137 15.03 28.24 -9.64
CA GLN B 137 16.29 28.56 -9.05
C GLN B 137 16.88 29.83 -9.65
N SER B 138 16.84 30.01 -10.96
CA SER B 138 17.34 31.23 -11.55
C SER B 138 16.44 32.37 -11.20
N ALA B 139 15.16 32.25 -11.43
CA ALA B 139 14.28 33.39 -11.24
C ALA B 139 13.97 33.72 -9.80
N PHE B 140 13.73 32.72 -8.99
CA PHE B 140 13.25 33.00 -7.65
C PHE B 140 14.19 32.49 -6.56
N GLY B 141 15.41 32.12 -7.00
CA GLY B 141 16.38 31.56 -6.08
C GLY B 141 15.87 30.35 -5.31
N TYR B 142 15.07 29.45 -5.91
CA TYR B 142 14.44 28.35 -5.16
C TYR B 142 15.27 27.11 -5.36
N SER B 143 15.82 26.55 -4.31
CA SER B 143 16.78 25.49 -4.49
C SER B 143 16.09 24.19 -4.86
N PRO B 144 16.59 23.43 -5.82
CA PRO B 144 16.20 22.08 -6.08
C PRO B 144 16.08 21.20 -4.86
N SER B 145 16.76 21.41 -3.75
CA SER B 145 16.54 20.62 -2.58
C SER B 145 15.08 20.71 -2.11
N ASN B 146 14.29 21.71 -2.47
CA ASN B 146 12.93 21.81 -1.98
C ASN B 146 11.97 21.03 -2.83
N VAL B 147 12.44 20.47 -3.94
CA VAL B 147 11.64 19.82 -4.96
C VAL B 147 11.61 18.36 -4.72
N HIS B 148 10.42 17.78 -4.89
CA HIS B 148 10.18 16.33 -4.83
C HIS B 148 9.46 15.92 -6.08
N VAL B 149 9.95 14.96 -6.86
CA VAL B 149 9.26 14.53 -8.06
C VAL B 149 8.72 13.12 -7.79
N ILE B 150 7.41 12.96 -7.64
CA ILE B 150 6.76 11.67 -7.46
C ILE B 150 6.38 11.21 -8.84
N GLY B 151 6.90 10.12 -9.38
CA GLY B 151 6.47 9.71 -10.71
C GLY B 151 6.07 8.25 -10.73
N HIS B 152 4.84 7.89 -11.16
CA HIS B 152 4.34 6.52 -11.28
C HIS B 152 4.72 5.86 -12.61
N SER B 153 5.32 4.67 -12.67
CA SER B 153 5.59 3.92 -13.89
C SER B 153 6.39 4.60 -14.99
N LEU B 154 5.90 4.88 -16.19
CA LEU B 154 6.71 5.65 -17.12
C LEU B 154 7.00 7.06 -16.50
N GLY B 155 6.10 7.65 -15.72
CA GLY B 155 6.42 8.86 -14.97
C GLY B 155 7.59 8.70 -13.99
N ALA B 156 7.98 7.52 -13.49
CA ALA B 156 9.12 7.39 -12.59
C ALA B 156 10.43 7.64 -13.33
N HIS B 157 10.48 7.17 -14.59
CA HIS B 157 11.64 7.37 -15.43
C HIS B 157 11.68 8.81 -15.94
N ALA B 158 10.52 9.46 -16.07
CA ALA B 158 10.47 10.85 -16.44
C ALA B 158 11.12 11.59 -15.33
N ALA B 159 10.79 11.25 -14.09
CA ALA B 159 11.39 11.89 -12.93
C ALA B 159 12.92 11.71 -12.91
N GLY B 160 13.32 10.50 -13.29
CA GLY B 160 14.71 10.19 -13.38
C GLY B 160 15.40 11.08 -14.40
N GLU B 161 14.74 11.54 -15.48
CA GLU B 161 15.39 12.46 -16.42
C GLU B 161 15.56 13.83 -15.80
N ALA B 162 14.47 14.29 -15.15
CA ALA B 162 14.40 15.59 -14.47
C ALA B 162 15.59 15.69 -13.53
N GLY B 163 15.79 14.71 -12.66
CA GLY B 163 16.94 14.76 -11.80
C GLY B 163 18.26 14.67 -12.57
N ARG B 164 18.36 13.84 -13.60
CA ARG B 164 19.60 13.68 -14.34
C ARG B 164 20.08 14.98 -14.89
N ARG B 165 19.10 15.72 -15.41
CA ARG B 165 19.37 16.99 -16.04
C ARG B 165 19.64 18.02 -14.97
N THR B 166 19.13 17.94 -13.74
CA THR B 166 19.52 18.87 -12.68
C THR B 166 20.68 18.22 -11.91
N ASN B 167 21.32 17.19 -12.49
CA ASN B 167 22.16 16.22 -11.81
C ASN B 167 22.39 16.23 -10.33
N GLY B 168 21.45 15.39 -9.91
CA GLY B 168 21.34 14.93 -8.57
C GLY B 168 20.86 16.02 -7.65
N THR B 169 20.68 17.29 -8.02
CA THR B 169 20.42 18.25 -6.97
C THR B 169 19.03 18.35 -6.43
N ILE B 170 18.05 17.77 -7.15
CA ILE B 170 16.69 17.75 -6.66
C ILE B 170 16.68 16.96 -5.34
N GLY B 171 15.74 17.32 -4.47
CA GLY B 171 15.55 16.72 -3.16
C GLY B 171 15.46 15.22 -3.15
N ARG B 172 14.33 14.74 -3.70
CA ARG B 172 14.10 13.31 -3.94
C ARG B 172 13.17 13.00 -5.08
N ILE B 173 13.35 11.81 -5.63
CA ILE B 173 12.39 11.35 -6.59
C ILE B 173 11.74 10.14 -5.92
N THR B 174 10.46 9.90 -6.14
CA THR B 174 9.86 8.71 -5.58
C THR B 174 9.41 7.93 -6.80
N GLY B 175 10.06 6.86 -7.21
CA GLY B 175 9.57 6.20 -8.39
C GLY B 175 8.51 5.20 -7.98
N LEU B 176 7.21 5.32 -8.27
CA LEU B 176 6.21 4.36 -7.86
C LEU B 176 6.02 3.33 -8.97
N ASP B 177 6.48 2.14 -8.76
CA ASP B 177 6.55 1.10 -9.73
C ASP B 177 7.01 1.59 -11.08
N PRO B 178 8.30 1.80 -11.21
CA PRO B 178 8.96 2.15 -12.45
C PRO B 178 8.67 1.18 -13.56
N ALA B 179 8.37 1.63 -14.77
CA ALA B 179 8.04 0.70 -15.83
C ALA B 179 9.23 -0.15 -16.18
N GLU B 180 8.95 -1.44 -16.36
CA GLU B 180 9.93 -2.42 -16.74
C GLU B 180 10.19 -2.37 -18.23
N PRO B 181 9.30 -2.55 -19.22
CA PRO B 181 9.68 -2.61 -20.62
C PRO B 181 10.45 -1.35 -21.08
N CYS B 182 11.66 -1.55 -21.62
CA CYS B 182 12.54 -0.50 -22.12
C CYS B 182 13.37 0.24 -21.08
N PHE B 183 13.46 -0.28 -19.86
CA PHE B 183 14.18 0.37 -18.77
C PHE B 183 14.87 -0.63 -17.89
N GLN B 184 14.21 -1.72 -17.46
CA GLN B 184 14.83 -2.71 -16.59
C GLN B 184 15.96 -3.33 -17.33
N GLY B 185 17.11 -3.37 -16.69
CA GLY B 185 18.27 -3.88 -17.35
C GLY B 185 19.07 -2.81 -18.06
N THR B 186 18.58 -1.62 -18.46
CA THR B 186 19.35 -0.56 -19.16
C THR B 186 20.21 0.40 -18.27
N PRO B 187 21.29 1.06 -18.67
CA PRO B 187 22.04 2.04 -17.86
C PRO B 187 21.34 3.23 -17.21
N GLU B 188 21.95 3.81 -16.21
CA GLU B 188 21.45 4.90 -15.40
C GLU B 188 20.92 6.21 -16.03
N LEU B 189 21.40 6.35 -17.27
CA LEU B 189 21.14 7.43 -18.22
C LEU B 189 19.70 7.42 -18.64
N VAL B 190 19.41 6.23 -19.15
CA VAL B 190 18.15 5.82 -19.72
C VAL B 190 17.10 5.57 -18.65
N ARG B 191 17.55 5.36 -17.39
CA ARG B 191 16.64 5.26 -16.24
C ARG B 191 16.92 6.00 -14.88
N LEU B 192 15.92 5.73 -14.04
CA LEU B 192 15.86 6.16 -12.65
C LEU B 192 16.85 5.21 -11.99
N ASP B 193 17.69 5.81 -11.18
CA ASP B 193 18.73 5.10 -10.50
C ASP B 193 19.16 6.09 -9.45
N PRO B 194 19.76 5.70 -8.33
CA PRO B 194 19.93 6.53 -7.18
C PRO B 194 20.66 7.81 -7.42
N SER B 195 21.36 7.89 -8.57
CA SER B 195 22.09 9.10 -8.82
C SER B 195 21.23 10.23 -9.35
N ASP B 196 20.01 10.02 -9.80
CA ASP B 196 19.31 11.13 -10.41
C ASP B 196 18.83 12.10 -9.32
N ALA B 197 18.92 11.87 -8.02
CA ALA B 197 18.50 12.85 -7.02
C ALA B 197 19.20 12.53 -5.72
N LYS B 198 19.22 13.57 -4.86
CA LYS B 198 19.78 13.46 -3.55
C LYS B 198 19.23 12.25 -2.77
N PHE B 199 17.96 11.85 -2.88
CA PHE B 199 17.44 10.64 -2.27
C PHE B 199 16.45 10.04 -3.26
N VAL B 200 16.52 8.76 -3.55
CA VAL B 200 15.52 8.14 -4.40
C VAL B 200 14.98 6.97 -3.59
N ASP B 201 13.68 6.85 -3.48
CA ASP B 201 13.08 5.74 -2.78
C ASP B 201 12.09 5.14 -3.77
N VAL B 202 11.88 3.82 -3.82
CA VAL B 202 10.98 3.24 -4.78
C VAL B 202 9.93 2.38 -4.08
N ILE B 203 8.75 2.10 -4.64
CA ILE B 203 7.77 1.19 -4.08
C ILE B 203 7.59 0.23 -5.24
N HIS B 204 7.83 -1.07 -5.04
CA HIS B 204 7.77 -2.07 -6.11
C HIS B 204 6.48 -2.83 -5.88
N THR B 205 5.52 -2.93 -6.81
CA THR B 205 4.28 -3.65 -6.57
C THR B 205 3.85 -4.48 -7.78
N ASP B 206 4.73 -4.79 -8.72
CA ASP B 206 4.35 -5.60 -9.86
C ASP B 206 5.61 -6.17 -10.46
N GLY B 207 6.46 -6.78 -9.66
CA GLY B 207 7.79 -7.15 -10.08
C GLY B 207 7.92 -8.38 -10.93
N ALA B 208 6.76 -8.89 -11.28
CA ALA B 208 6.74 -10.03 -12.15
C ALA B 208 7.25 -9.60 -13.54
N PRO B 209 7.61 -10.57 -14.36
CA PRO B 209 7.96 -10.33 -15.76
C PRO B 209 6.86 -9.84 -16.66
N ILE B 210 7.09 -8.80 -17.43
CA ILE B 210 6.10 -8.31 -18.38
C ILE B 210 5.61 -9.43 -19.30
N VAL B 211 6.52 -10.25 -19.81
CA VAL B 211 6.16 -11.43 -20.56
C VAL B 211 7.12 -12.42 -19.92
N PRO B 212 6.60 -13.52 -19.43
CA PRO B 212 5.19 -13.94 -19.59
C PRO B 212 4.09 -13.48 -18.65
N ASN B 213 4.35 -12.69 -17.60
CA ASN B 213 3.35 -12.51 -16.57
C ASN B 213 2.56 -11.23 -16.56
N LEU B 214 2.86 -10.38 -17.52
CA LEU B 214 2.34 -9.03 -17.61
C LEU B 214 2.44 -8.27 -16.31
N GLY B 215 3.70 -8.25 -15.88
CA GLY B 215 4.10 -7.46 -14.73
C GLY B 215 4.74 -6.16 -15.23
N PHE B 216 3.92 -5.10 -15.26
CA PHE B 216 4.33 -3.78 -15.73
C PHE B 216 5.52 -3.08 -15.02
N GLY B 217 5.72 -3.32 -13.72
CA GLY B 217 6.79 -2.65 -13.03
C GLY B 217 7.99 -3.55 -13.09
N MET B 218 9.03 -2.94 -12.49
CA MET B 218 10.31 -3.63 -12.45
C MET B 218 10.73 -4.06 -11.06
N SER B 219 11.39 -5.21 -11.14
CA SER B 219 11.90 -5.99 -10.03
C SER B 219 13.26 -5.56 -9.51
N GLN B 220 14.04 -4.93 -10.43
CA GLN B 220 15.37 -4.40 -10.19
C GLN B 220 15.31 -3.21 -9.23
N VAL B 221 16.41 -2.95 -8.60
CA VAL B 221 16.45 -2.01 -7.49
C VAL B 221 17.02 -0.74 -8.12
N VAL B 222 16.26 0.34 -8.01
CA VAL B 222 16.68 1.59 -8.60
C VAL B 222 16.70 2.72 -7.59
N GLY B 223 16.80 2.48 -6.29
CA GLY B 223 16.76 3.62 -5.38
C GLY B 223 17.67 3.44 -4.19
N HIS B 224 17.75 4.40 -3.30
CA HIS B 224 18.53 4.25 -2.08
C HIS B 224 17.76 3.24 -1.27
N LEU B 225 16.45 3.46 -1.11
CA LEU B 225 15.54 2.56 -0.44
C LEU B 225 14.65 1.95 -1.51
N ASP B 226 14.45 0.64 -1.60
CA ASP B 226 13.51 0.07 -2.53
C ASP B 226 12.55 -0.75 -1.70
N PHE B 227 11.25 -0.41 -1.63
CA PHE B 227 10.34 -1.13 -0.79
C PHE B 227 9.55 -2.16 -1.54
N PHE B 228 9.43 -3.39 -1.08
CA PHE B 228 8.68 -4.39 -1.76
C PHE B 228 7.49 -4.84 -0.94
N PRO B 229 6.38 -4.11 -0.84
CA PRO B 229 5.19 -4.50 -0.08
C PRO B 229 4.58 -5.76 -0.66
N ASN B 230 4.25 -6.70 0.25
CA ASN B 230 3.65 -7.99 -0.08
C ASN B 230 4.58 -8.73 -1.04
N GLY B 231 5.87 -8.45 -0.81
CA GLY B 231 6.93 -8.97 -1.65
C GLY B 231 6.96 -8.38 -3.05
N GLY B 232 6.26 -7.28 -3.40
CA GLY B 232 6.42 -6.60 -4.66
C GLY B 232 5.92 -7.31 -5.89
N VAL B 233 5.50 -8.55 -5.86
CA VAL B 233 5.08 -9.21 -7.08
C VAL B 233 3.60 -9.21 -7.25
N GLU B 234 2.85 -9.61 -6.24
CA GLU B 234 1.43 -9.73 -6.43
C GLU B 234 0.74 -9.04 -5.25
N MET B 235 -0.12 -8.03 -5.44
CA MET B 235 -0.73 -7.29 -4.36
C MET B 235 -2.10 -7.81 -3.95
N PRO B 236 -2.32 -7.83 -2.62
CA PRO B 236 -3.61 -8.16 -2.00
C PRO B 236 -4.68 -7.24 -2.53
N GLY B 237 -5.81 -7.89 -2.83
CA GLY B 237 -6.97 -7.26 -3.43
C GLY B 237 -6.94 -7.47 -4.94
N CYS B 238 -5.80 -7.75 -5.61
CA CYS B 238 -5.77 -7.79 -7.07
C CYS B 238 -6.23 -8.99 -7.86
N LYS B 239 -6.55 -10.04 -7.11
CA LYS B 239 -6.98 -11.32 -7.67
C LYS B 239 -8.48 -11.58 -7.42
N LYS B 240 -9.23 -10.52 -7.67
CA LYS B 240 -10.67 -10.51 -7.51
C LYS B 240 -11.21 -10.82 -8.89
N ASN B 241 -12.32 -11.54 -8.99
CA ASN B 241 -12.81 -11.93 -10.31
C ASN B 241 -13.24 -10.68 -11.02
N ILE B 242 -12.91 -10.62 -12.30
CA ILE B 242 -13.24 -9.48 -13.12
C ILE B 242 -14.54 -8.73 -12.85
N LEU B 243 -15.68 -9.34 -12.56
CA LEU B 243 -16.90 -8.59 -12.29
C LEU B 243 -16.82 -7.88 -10.95
N SER B 244 -16.17 -8.36 -9.88
CA SER B 244 -16.00 -7.54 -8.68
C SER B 244 -14.54 -7.24 -8.82
N GLN B 245 -14.24 -6.15 -9.48
CA GLN B 245 -12.89 -5.69 -9.75
C GLN B 245 -13.37 -4.50 -10.54
N ILE B 246 -14.04 -4.72 -11.71
CA ILE B 246 -14.64 -3.60 -12.47
C ILE B 246 -15.71 -2.88 -11.65
N VAL B 247 -16.64 -3.62 -11.06
CA VAL B 247 -17.67 -3.05 -10.21
C VAL B 247 -17.03 -2.96 -8.83
N ASP B 248 -16.49 -1.78 -8.65
CA ASP B 248 -15.68 -1.41 -7.50
C ASP B 248 -16.52 -0.71 -6.47
N ILE B 249 -15.94 -0.46 -5.28
CA ILE B 249 -16.61 0.39 -4.32
C ILE B 249 -16.13 1.74 -4.82
N ASP B 250 -17.15 2.18 -5.54
CA ASP B 250 -17.16 3.36 -6.40
C ASP B 250 -15.99 3.61 -7.37
N GLY B 251 -16.52 3.39 -8.57
CA GLY B 251 -15.87 3.65 -9.81
C GLY B 251 -15.97 2.46 -10.73
N ILE B 252 -16.72 2.51 -11.83
CA ILE B 252 -16.51 1.53 -12.90
C ILE B 252 -15.10 1.87 -13.38
N TRP B 253 -14.76 3.16 -13.38
CA TRP B 253 -13.45 3.62 -13.80
C TRP B 253 -12.30 3.14 -12.93
N GLU B 254 -12.43 3.29 -11.59
CA GLU B 254 -11.33 2.86 -10.78
C GLU B 254 -11.29 1.37 -10.85
N GLY B 255 -12.46 0.69 -10.99
CA GLY B 255 -12.55 -0.73 -11.21
C GLY B 255 -11.85 -1.17 -12.50
N THR B 256 -12.16 -0.54 -13.63
CA THR B 256 -11.56 -0.88 -14.90
C THR B 256 -10.06 -0.76 -14.85
N ARG B 257 -9.60 0.34 -14.23
CA ARG B 257 -8.19 0.55 -14.11
C ARG B 257 -7.52 -0.60 -13.40
N ASP B 258 -8.14 -1.15 -12.34
CA ASP B 258 -7.56 -2.24 -11.53
C ASP B 258 -7.70 -3.56 -12.22
N PHE B 259 -8.75 -3.73 -13.03
CA PHE B 259 -8.87 -4.91 -13.89
C PHE B 259 -7.68 -4.96 -14.85
N ALA B 260 -7.32 -3.78 -15.37
CA ALA B 260 -6.24 -3.64 -16.32
C ALA B 260 -4.87 -3.69 -15.69
N ALA B 261 -4.72 -2.99 -14.55
CA ALA B 261 -3.41 -2.84 -13.96
C ALA B 261 -3.35 -2.77 -12.42
N CYS B 262 -4.16 -3.54 -11.69
CA CYS B 262 -4.26 -3.44 -10.22
C CYS B 262 -2.96 -3.28 -9.44
N ASN B 263 -2.11 -4.26 -9.43
CA ASN B 263 -0.81 -4.23 -8.76
C ASN B 263 0.05 -3.01 -9.01
N HIS B 264 0.03 -2.65 -10.30
CA HIS B 264 0.87 -1.61 -10.85
C HIS B 264 0.35 -0.27 -10.39
N LEU B 265 -0.94 -0.17 -10.15
CA LEU B 265 -1.50 1.07 -9.70
C LEU B 265 -1.59 1.09 -8.17
N ARG B 266 -1.34 -0.02 -7.50
CA ARG B 266 -1.39 -0.09 -6.07
C ARG B 266 -0.27 0.78 -5.54
N SER B 267 0.86 1.01 -6.25
CA SER B 267 1.94 1.82 -5.72
C SER B 267 1.52 3.23 -5.39
N TYR B 268 0.66 3.92 -6.14
CA TYR B 268 0.29 5.26 -5.72
C TYR B 268 -0.84 5.20 -4.71
N LYS B 269 -1.55 4.11 -4.52
CA LYS B 269 -2.58 4.06 -3.50
C LYS B 269 -1.82 3.87 -2.19
N TYR B 270 -0.72 3.11 -2.11
CA TYR B 270 0.01 2.95 -0.86
C TYR B 270 0.60 4.27 -0.52
N TYR B 271 1.23 4.98 -1.47
CA TYR B 271 1.83 6.29 -1.24
C TYR B 271 0.75 7.25 -0.82
N THR B 272 -0.39 7.32 -1.51
CA THR B 272 -1.43 8.22 -1.10
C THR B 272 -1.82 7.94 0.32
N ASP B 273 -2.01 6.69 0.72
CA ASP B 273 -2.37 6.33 2.10
C ASP B 273 -1.32 6.65 3.15
N SER B 274 -0.05 6.46 2.86
CA SER B 274 1.01 6.78 3.78
C SER B 274 0.98 8.19 4.29
N ILE B 275 0.61 9.15 3.44
CA ILE B 275 0.57 10.54 3.80
C ILE B 275 -0.15 10.73 5.12
N VAL B 276 -1.24 10.00 5.30
CA VAL B 276 -1.94 10.23 6.53
C VAL B 276 -1.80 9.08 7.50
N ASN B 277 -0.97 8.04 7.27
CA ASN B 277 -0.75 7.00 8.26
C ASN B 277 0.74 6.93 8.58
N PRO B 278 1.41 7.85 9.28
CA PRO B 278 2.85 8.02 9.34
C PRO B 278 3.73 6.98 9.98
N ASP B 279 3.12 5.96 10.56
CA ASP B 279 3.77 4.86 11.24
C ASP B 279 3.25 3.53 10.71
N GLY B 280 2.18 3.68 9.89
CA GLY B 280 1.44 2.58 9.35
C GLY B 280 2.09 1.86 8.19
N PHE B 281 3.30 2.15 7.67
CA PHE B 281 3.90 1.33 6.59
C PHE B 281 5.37 1.11 6.89
N ALA B 282 5.70 0.72 8.15
CA ALA B 282 7.06 0.32 8.57
C ALA B 282 7.84 -0.65 7.68
N GLY B 283 9.12 -0.48 7.32
CA GLY B 283 9.80 -1.34 6.35
C GLY B 283 10.84 -2.26 6.98
N PHE B 284 10.72 -3.56 6.89
CA PHE B 284 11.64 -4.44 7.56
C PHE B 284 12.75 -4.78 6.64
N PRO B 285 14.00 -4.42 6.89
CA PRO B 285 15.12 -4.86 6.08
C PRO B 285 15.18 -6.39 6.01
N CYS B 286 15.24 -7.13 4.90
CA CYS B 286 15.35 -8.58 5.02
C CYS B 286 16.13 -9.15 3.83
N ALA B 287 16.72 -10.35 3.89
CA ALA B 287 17.44 -10.95 2.76
C ALA B 287 16.51 -11.10 1.58
N SER B 288 15.28 -11.46 1.92
CA SER B 288 14.25 -11.54 0.94
C SER B 288 12.93 -11.46 1.69
N TYR B 289 11.88 -11.72 0.91
CA TYR B 289 10.50 -11.76 1.34
C TYR B 289 10.17 -13.05 1.97
N ASN B 290 10.76 -14.11 1.44
CA ASN B 290 10.51 -15.46 1.92
C ASN B 290 11.10 -15.58 3.34
N VAL B 291 12.21 -14.94 3.60
CA VAL B 291 12.76 -14.89 4.94
C VAL B 291 11.89 -14.04 5.87
N PHE B 292 11.40 -12.90 5.36
CA PHE B 292 10.57 -11.99 6.13
C PHE B 292 9.31 -12.77 6.54
N THR B 293 8.73 -13.58 5.67
CA THR B 293 7.54 -14.31 6.05
C THR B 293 7.90 -15.52 6.87
N ALA B 294 9.18 -15.95 6.87
CA ALA B 294 9.66 -17.03 7.71
C ALA B 294 9.86 -16.54 9.12
N ASN B 295 9.38 -15.33 9.43
CA ASN B 295 9.41 -14.71 10.74
C ASN B 295 10.78 -14.48 11.33
N LYS B 296 11.70 -14.22 10.39
CA LYS B 296 13.09 -13.99 10.68
C LYS B 296 13.60 -12.55 10.46
N CYS B 297 12.81 -11.54 10.10
CA CYS B 297 13.23 -10.12 10.03
C CYS B 297 12.47 -9.11 10.90
N PHE B 298 12.03 -9.47 12.10
CA PHE B 298 11.30 -8.57 12.97
C PHE B 298 12.07 -8.58 14.32
N PRO B 299 12.11 -7.51 15.10
CA PRO B 299 11.48 -6.24 14.78
C PRO B 299 12.36 -5.37 13.90
N CYS B 300 12.04 -4.09 13.88
CA CYS B 300 12.90 -3.10 13.27
C CYS B 300 14.29 -3.12 13.89
N PRO B 301 15.35 -2.60 13.29
CA PRO B 301 16.62 -2.44 13.97
C PRO B 301 16.59 -1.17 14.79
N SER B 302 17.52 -1.08 15.73
CA SER B 302 17.74 0.11 16.53
C SER B 302 18.36 0.90 15.40
N GLY B 303 17.59 1.82 14.88
CA GLY B 303 17.99 2.47 13.64
C GLY B 303 16.68 2.94 13.07
N GLY B 304 15.82 1.93 12.95
CA GLY B 304 14.42 2.11 12.61
C GLY B 304 14.06 1.36 11.36
N CYS B 305 12.76 1.28 11.15
CA CYS B 305 12.26 0.67 9.94
C CYS B 305 11.96 1.89 9.15
N PRO B 306 12.36 2.15 7.91
CA PRO B 306 11.87 3.30 7.15
C PRO B 306 10.39 3.16 6.90
N GLN B 307 9.60 4.23 6.81
CA GLN B 307 8.21 4.11 6.38
C GLN B 307 8.17 3.99 4.86
N MET B 308 7.45 3.06 4.27
CA MET B 308 7.33 3.06 2.84
C MET B 308 6.52 4.31 2.48
N GLY B 309 6.88 5.08 1.47
CA GLY B 309 6.03 6.21 1.17
C GLY B 309 6.52 7.61 1.53
N HIS B 310 5.51 8.35 1.99
CA HIS B 310 5.70 9.75 2.20
C HIS B 310 6.70 10.12 3.27
N TYR B 311 6.96 9.22 4.24
CA TYR B 311 7.89 9.52 5.30
C TYR B 311 9.18 8.72 5.24
N ALA B 312 9.49 8.08 4.11
CA ALA B 312 10.75 7.38 3.96
C ALA B 312 11.90 8.38 4.06
N ASP B 313 11.66 9.65 3.76
CA ASP B 313 12.73 10.63 3.80
C ASP B 313 13.03 10.97 5.24
N ARG B 314 12.15 10.65 6.17
CA ARG B 314 12.52 10.76 7.58
C ARG B 314 13.43 9.60 8.07
N TYR B 315 13.88 8.60 7.27
CA TYR B 315 14.70 7.45 7.69
C TYR B 315 16.13 7.93 7.79
N PRO B 316 16.79 7.84 8.95
CA PRO B 316 18.18 8.24 9.15
C PRO B 316 19.18 7.52 8.26
N GLY B 317 19.04 6.23 8.05
CA GLY B 317 20.02 5.60 7.19
C GLY B 317 19.68 5.79 5.73
N LYS B 318 18.74 6.64 5.28
CA LYS B 318 18.23 6.60 3.91
C LYS B 318 19.31 6.66 2.86
N THR B 319 20.25 7.60 2.81
CA THR B 319 21.25 7.62 1.75
C THR B 319 22.55 6.86 2.05
N ASN B 320 22.51 5.87 2.94
CA ASN B 320 23.74 5.24 3.37
C ASN B 320 24.19 4.19 2.46
N ASP B 321 23.28 3.68 1.64
CA ASP B 321 23.69 2.75 0.64
C ASP B 321 22.60 2.77 -0.38
N VAL B 322 22.99 2.36 -1.57
CA VAL B 322 22.01 2.23 -2.62
C VAL B 322 21.40 0.83 -2.62
N GLY B 323 20.16 0.78 -3.04
CA GLY B 323 19.51 -0.50 -3.23
C GLY B 323 19.15 -1.34 -2.02
N GLN B 324 18.99 -0.69 -0.89
CA GLN B 324 18.63 -1.31 0.35
C GLN B 324 17.20 -1.82 0.22
N LYS B 325 16.91 -3.13 0.31
CA LYS B 325 15.53 -3.66 0.28
C LYS B 325 14.77 -3.82 1.59
N PHE B 326 13.57 -3.29 1.61
CA PHE B 326 12.73 -3.40 2.78
C PHE B 326 11.50 -4.11 2.37
N TYR B 327 11.11 -5.07 3.19
CA TYR B 327 9.90 -5.86 3.06
C TYR B 327 8.88 -5.51 4.13
N LEU B 328 7.58 -5.66 3.83
CA LEU B 328 6.49 -5.26 4.68
C LEU B 328 5.18 -5.74 4.10
N ASP B 329 4.02 -5.57 4.73
CA ASP B 329 2.74 -6.05 4.20
C ASP B 329 1.65 -5.03 4.34
N THR B 330 0.68 -5.02 3.44
CA THR B 330 -0.33 -3.98 3.48
C THR B 330 -1.70 -4.61 3.41
N GLY B 331 -2.67 -3.72 3.32
CA GLY B 331 -4.04 -4.14 3.22
C GLY B 331 -4.37 -4.41 1.78
N ASP B 332 -5.49 -5.12 1.76
CA ASP B 332 -6.05 -5.54 0.50
C ASP B 332 -6.89 -4.45 -0.13
N ALA B 333 -7.63 -3.70 0.66
CA ALA B 333 -8.37 -2.60 0.09
C ALA B 333 -8.00 -1.43 0.98
N SER B 334 -8.43 -0.23 0.62
CA SER B 334 -7.96 0.92 1.33
C SER B 334 -8.26 0.98 2.81
N ASN B 335 -7.15 1.66 3.13
CA ASN B 335 -6.36 2.02 4.30
C ASN B 335 -5.56 0.75 4.40
N PHE B 336 -4.51 0.87 3.61
CA PHE B 336 -3.62 -0.23 3.46
C PHE B 336 -2.70 -0.46 4.66
N ALA B 337 -2.67 0.46 5.63
CA ALA B 337 -1.76 0.40 6.76
C ALA B 337 -2.12 -0.77 7.64
N ARG B 338 -1.04 -1.37 8.11
CA ARG B 338 -0.94 -2.57 8.94
C ARG B 338 0.16 -2.38 9.97
N TRP B 339 0.00 -3.00 11.13
CA TRP B 339 0.97 -2.92 12.19
C TRP B 339 1.33 -4.35 12.55
N ARG B 340 2.55 -4.78 12.20
CA ARG B 340 2.97 -6.16 12.46
C ARG B 340 3.32 -6.36 13.94
N TYR B 341 2.90 -7.45 14.55
CA TYR B 341 3.20 -7.77 15.94
C TYR B 341 3.87 -9.11 15.96
N LYS B 342 4.54 -9.63 17.00
CA LYS B 342 5.05 -11.03 17.07
C LYS B 342 4.45 -11.62 18.31
N VAL B 343 3.97 -12.85 18.35
CA VAL B 343 3.37 -13.37 19.55
C VAL B 343 3.90 -14.77 19.69
N SER B 344 4.28 -15.13 20.91
CA SER B 344 4.81 -16.44 21.29
C SER B 344 3.85 -16.98 22.33
N VAL B 345 3.22 -18.12 22.08
CA VAL B 345 2.30 -18.74 23.02
C VAL B 345 2.94 -19.98 23.58
N THR B 346 2.83 -20.15 24.90
CA THR B 346 3.33 -21.32 25.61
C THR B 346 2.12 -22.02 26.23
N LEU B 347 1.98 -23.23 25.71
CA LEU B 347 0.75 -23.96 25.90
C LEU B 347 0.71 -24.76 27.16
N SER B 348 -0.50 -25.07 27.57
CA SER B 348 -0.73 -25.86 28.75
C SER B 348 -2.02 -26.65 28.61
N GLY B 349 -2.20 -27.76 29.31
CA GLY B 349 -3.44 -28.53 29.26
C GLY B 349 -3.08 -29.89 28.69
N LYS B 350 -3.95 -30.47 27.88
CA LYS B 350 -3.72 -31.77 27.25
C LYS B 350 -3.25 -31.59 25.79
N LYS B 351 -2.43 -32.56 25.32
CA LYS B 351 -1.95 -32.62 23.93
C LYS B 351 -3.19 -32.89 23.10
N VAL B 352 -3.54 -31.96 22.23
CA VAL B 352 -4.74 -32.04 21.41
C VAL B 352 -4.29 -31.62 20.02
N THR B 353 -5.15 -31.52 18.99
CA THR B 353 -4.75 -31.05 17.66
C THR B 353 -5.70 -29.90 17.30
N GLY B 354 -5.23 -28.65 17.21
CA GLY B 354 -6.18 -27.58 17.02
C GLY B 354 -5.54 -26.42 16.31
N HIS B 355 -6.28 -25.33 16.38
CA HIS B 355 -5.79 -24.05 15.90
C HIS B 355 -5.73 -23.20 17.12
N ILE B 356 -4.71 -22.38 17.35
CA ILE B 356 -4.75 -21.46 18.45
C ILE B 356 -4.75 -20.09 17.81
N LEU B 357 -5.65 -19.25 18.30
CA LEU B 357 -5.75 -17.86 17.90
C LEU B 357 -5.64 -16.86 19.05
N VAL B 358 -5.05 -15.72 18.76
CA VAL B 358 -4.86 -14.65 19.72
C VAL B 358 -5.53 -13.35 19.34
N SER B 359 -5.96 -12.55 20.32
CA SER B 359 -6.45 -11.17 20.12
C SER B 359 -5.71 -10.18 21.02
N LEU B 360 -5.32 -9.01 20.56
CA LEU B 360 -4.58 -8.04 21.32
C LEU B 360 -5.51 -6.93 21.75
N PHE B 361 -5.21 -6.36 22.91
CA PHE B 361 -5.99 -5.34 23.57
C PHE B 361 -5.04 -4.32 24.10
N GLY B 362 -5.24 -3.09 23.69
CA GLY B 362 -4.38 -2.03 24.12
C GLY B 362 -5.20 -0.76 24.22
N ASN B 363 -4.52 0.29 24.63
CA ASN B 363 -5.23 1.52 24.90
C ASN B 363 -5.80 2.12 23.66
N LYS B 364 -5.19 1.87 22.53
CA LYS B 364 -5.75 2.51 21.36
C LYS B 364 -6.86 1.71 20.75
N GLY B 365 -6.84 0.36 20.80
CA GLY B 365 -7.95 -0.46 20.28
C GLY B 365 -7.72 -1.94 20.56
N ASN B 366 -8.51 -2.80 19.91
CA ASN B 366 -8.29 -4.23 20.01
C ASN B 366 -8.29 -4.78 18.60
N SER B 367 -8.36 -6.10 18.39
CA SER B 367 -8.16 -6.65 17.09
C SER B 367 -8.94 -7.90 16.78
N LYS B 368 -8.72 -8.29 15.52
CA LYS B 368 -9.17 -9.56 14.99
C LYS B 368 -8.33 -10.60 15.69
N GLN B 369 -8.86 -11.81 15.74
CA GLN B 369 -8.10 -12.92 16.28
C GLN B 369 -7.19 -13.29 15.12
N TYR B 370 -5.95 -13.61 15.42
CA TYR B 370 -5.05 -14.02 14.39
C TYR B 370 -4.67 -15.40 14.80
N GLU B 371 -4.26 -16.22 13.82
CA GLU B 371 -3.92 -17.63 14.07
C GLU B 371 -2.41 -17.66 14.21
N ILE B 372 -1.96 -18.25 15.31
CA ILE B 372 -0.53 -18.34 15.56
C ILE B 372 -0.09 -19.72 15.16
N PHE B 373 -0.89 -20.77 15.30
CA PHE B 373 -0.41 -22.13 15.03
C PHE B 373 -1.55 -23.06 14.81
N LYS B 374 -1.44 -24.08 13.99
CA LYS B 374 -2.50 -25.06 13.84
C LYS B 374 -1.66 -26.31 13.71
N GLY B 375 -1.91 -27.32 14.54
CA GLY B 375 -1.10 -28.51 14.52
C GLY B 375 -1.29 -29.20 15.85
N THR B 376 -0.32 -30.06 16.14
CA THR B 376 -0.34 -30.77 17.40
C THR B 376 -0.13 -29.69 18.44
N LEU B 377 -1.04 -29.56 19.38
CA LEU B 377 -0.87 -28.61 20.44
C LEU B 377 -0.34 -29.34 21.69
N LYS B 378 0.98 -29.44 21.86
CA LYS B 378 1.60 -30.19 22.96
C LYS B 378 1.83 -29.27 24.15
N PRO B 379 1.50 -29.57 25.41
CA PRO B 379 1.65 -28.69 26.54
C PRO B 379 3.12 -28.61 26.73
N ASP B 380 3.36 -27.38 27.14
CA ASP B 380 4.65 -26.80 27.37
C ASP B 380 5.33 -26.41 26.07
N SER B 381 4.94 -26.74 24.83
CA SER B 381 5.70 -26.15 23.75
C SER B 381 5.27 -24.69 23.54
N THR B 382 6.16 -23.92 22.92
CA THR B 382 5.91 -22.53 22.58
C THR B 382 5.69 -22.41 21.09
N HIS B 383 4.93 -21.46 20.59
CA HIS B 383 4.64 -21.32 19.18
C HIS B 383 4.57 -19.85 18.85
N SER B 384 5.37 -19.27 17.97
CA SER B 384 5.30 -17.85 17.73
C SER B 384 4.78 -17.60 16.32
N ASN B 385 4.32 -16.39 16.03
CA ASN B 385 3.95 -16.04 14.68
C ASN B 385 3.97 -14.51 14.72
N GLU B 386 4.13 -13.88 13.56
CA GLU B 386 4.19 -12.43 13.40
C GLU B 386 2.94 -12.13 12.62
N PHE B 387 2.26 -10.99 12.67
CA PHE B 387 1.06 -10.82 11.89
C PHE B 387 0.81 -9.35 11.68
N ASP B 388 0.16 -8.97 10.57
CA ASP B 388 -0.03 -7.57 10.28
C ASP B 388 -1.43 -7.26 10.71
N SER B 389 -1.48 -6.73 11.92
CA SER B 389 -2.72 -6.28 12.46
C SER B 389 -3.25 -5.11 11.63
N ASP B 390 -4.53 -4.86 11.54
CA ASP B 390 -4.96 -3.65 10.90
C ASP B 390 -5.19 -2.45 11.84
N VAL B 391 -4.84 -2.65 13.10
CA VAL B 391 -5.07 -1.71 14.17
C VAL B 391 -3.78 -1.74 14.96
N ASP B 392 -3.31 -0.53 15.30
CA ASP B 392 -2.21 -0.28 16.20
C ASP B 392 -3.05 -0.08 17.43
N VAL B 393 -2.85 -1.07 18.31
CA VAL B 393 -3.64 -1.21 19.52
C VAL B 393 -3.10 -0.40 20.71
N GLY B 394 -1.95 0.28 20.61
CA GLY B 394 -1.46 1.10 21.71
C GLY B 394 -0.59 0.21 22.58
N ASP B 395 -0.60 0.40 23.92
CA ASP B 395 0.20 -0.42 24.83
C ASP B 395 -0.71 -1.52 25.27
N LEU B 396 -0.15 -2.71 25.28
CA LEU B 396 -1.00 -3.82 25.54
C LEU B 396 -1.33 -3.94 27.00
N GLN B 397 -2.65 -4.04 27.13
CA GLN B 397 -3.33 -4.28 28.38
C GLN B 397 -3.73 -5.73 28.59
N MET B 398 -4.20 -6.46 27.59
CA MET B 398 -4.65 -7.82 27.71
C MET B 398 -4.36 -8.50 26.40
N VAL B 399 -4.48 -9.81 26.42
CA VAL B 399 -4.38 -10.64 25.25
C VAL B 399 -5.42 -11.71 25.50
N LYS B 400 -6.25 -12.19 24.57
CA LYS B 400 -7.14 -13.32 24.87
C LYS B 400 -6.77 -14.37 23.87
N PHE B 401 -6.82 -15.61 24.36
CA PHE B 401 -6.46 -16.82 23.66
C PHE B 401 -7.72 -17.63 23.28
N ILE B 402 -7.81 -18.37 22.16
CA ILE B 402 -8.93 -19.28 21.84
C ILE B 402 -8.48 -20.36 20.86
N TRP B 403 -8.94 -21.60 21.00
CA TRP B 403 -8.53 -22.65 20.08
C TRP B 403 -9.79 -23.35 19.59
N TYR B 404 -9.72 -24.13 18.54
CA TYR B 404 -10.83 -24.93 18.08
C TYR B 404 -10.20 -26.00 17.23
N ASN B 405 -10.78 -27.18 17.12
CA ASN B 405 -10.20 -28.20 16.27
C ASN B 405 -11.29 -28.65 15.35
N ASN B 406 -11.01 -29.51 14.36
CA ASN B 406 -12.06 -29.94 13.43
C ASN B 406 -12.89 -31.15 13.89
N VAL B 407 -12.41 -31.99 14.80
CA VAL B 407 -13.15 -33.16 15.18
C VAL B 407 -13.31 -33.22 16.67
N ILE B 408 -14.59 -33.27 16.98
CA ILE B 408 -15.11 -33.38 18.34
C ILE B 408 -14.52 -34.52 19.21
N ASN B 409 -13.64 -34.27 20.20
CA ASN B 409 -13.08 -35.37 21.00
C ASN B 409 -13.72 -35.51 22.38
N PRO B 410 -14.63 -36.45 22.69
CA PRO B 410 -15.49 -36.47 23.88
C PRO B 410 -14.85 -36.52 25.28
N THR B 411 -13.55 -36.76 25.31
CA THR B 411 -12.72 -36.66 26.49
C THR B 411 -12.86 -35.25 27.08
N LEU B 412 -13.31 -34.31 26.22
CA LEU B 412 -13.61 -32.92 26.49
C LEU B 412 -12.46 -32.00 26.86
N PRO B 413 -11.31 -32.11 26.17
CA PRO B 413 -10.03 -31.56 26.61
C PRO B 413 -10.04 -30.03 26.58
N ARG B 414 -9.15 -29.54 27.43
CA ARG B 414 -8.97 -28.13 27.70
C ARG B 414 -7.53 -27.77 27.48
N VAL B 415 -7.35 -26.66 26.76
CA VAL B 415 -6.02 -26.15 26.47
C VAL B 415 -6.00 -24.69 26.86
N GLY B 416 -4.84 -24.21 27.25
CA GLY B 416 -4.68 -22.83 27.67
C GLY B 416 -3.33 -22.25 27.22
N ALA B 417 -2.98 -21.10 27.77
CA ALA B 417 -1.70 -20.52 27.43
C ALA B 417 -1.15 -19.99 28.75
N SER B 418 -0.01 -20.50 29.20
CA SER B 418 0.46 -20.04 30.48
C SER B 418 1.12 -18.66 30.42
N LYS B 419 1.71 -18.41 29.26
CA LYS B 419 2.41 -17.18 28.95
C LYS B 419 2.29 -16.94 27.48
N ILE B 420 1.88 -15.72 27.16
CA ILE B 420 1.86 -15.17 25.83
C ILE B 420 2.72 -13.95 25.99
N ILE B 421 3.51 -13.61 24.96
CA ILE B 421 4.36 -12.43 24.95
C ILE B 421 4.10 -11.76 23.59
N VAL B 422 3.75 -10.49 23.61
CA VAL B 422 3.54 -9.74 22.40
C VAL B 422 4.77 -8.86 22.31
N GLU B 423 5.39 -8.72 21.17
CA GLU B 423 6.56 -7.88 21.01
C GLU B 423 6.12 -6.92 19.92
N THR B 424 6.52 -5.64 19.94
CA THR B 424 6.01 -4.71 18.95
C THR B 424 7.10 -4.57 17.89
N ASN B 425 6.86 -3.81 16.82
CA ASN B 425 7.86 -3.67 15.78
C ASN B 425 9.06 -2.87 16.19
N VAL B 426 8.95 -2.20 17.34
CA VAL B 426 10.12 -1.55 17.89
C VAL B 426 10.80 -2.54 18.84
N GLY B 427 10.06 -3.50 19.38
CA GLY B 427 10.68 -4.47 20.24
C GLY B 427 10.11 -4.39 21.62
N LYS B 428 9.16 -3.48 21.88
CA LYS B 428 8.61 -3.47 23.19
C LYS B 428 8.00 -4.84 23.43
N GLN B 429 8.39 -5.53 24.50
CA GLN B 429 7.80 -6.82 24.85
C GLN B 429 6.80 -6.66 25.98
N PHE B 430 5.58 -7.16 25.83
CA PHE B 430 4.59 -7.18 26.87
C PHE B 430 4.33 -8.67 27.22
N ASN B 431 4.50 -9.18 28.46
CA ASN B 431 4.21 -10.57 28.88
C ASN B 431 2.88 -10.63 29.56
N PHE B 432 2.19 -11.76 29.38
CA PHE B 432 0.87 -11.97 29.95
C PHE B 432 0.87 -13.43 30.37
N CYS B 433 0.12 -13.70 31.43
CA CYS B 433 0.06 -15.02 32.02
C CYS B 433 -1.37 -15.50 32.35
N SER B 434 -1.61 -16.80 32.46
CA SER B 434 -2.90 -17.29 32.90
C SER B 434 -2.59 -18.69 33.31
N PRO B 435 -3.24 -19.15 34.37
CA PRO B 435 -3.16 -20.51 34.82
C PRO B 435 -4.36 -21.30 34.38
N GLU B 436 -5.30 -20.75 33.63
CA GLU B 436 -6.48 -21.54 33.34
C GLU B 436 -6.35 -22.18 31.94
N THR B 437 -6.97 -23.33 31.73
CA THR B 437 -7.07 -23.94 30.44
C THR B 437 -8.55 -23.77 30.10
N VAL B 438 -8.95 -23.79 28.83
CA VAL B 438 -10.34 -23.66 28.42
C VAL B 438 -10.76 -24.70 27.38
N ARG B 439 -12.06 -24.72 27.11
CA ARG B 439 -12.64 -25.59 26.12
C ARG B 439 -12.47 -25.04 24.71
N GLU B 440 -12.85 -25.89 23.75
CA GLU B 440 -12.94 -25.52 22.34
C GLU B 440 -13.83 -24.31 22.20
N GLU B 441 -13.38 -23.35 21.43
CA GLU B 441 -14.13 -22.17 21.12
C GLU B 441 -14.37 -21.22 22.29
N VAL B 442 -13.87 -21.45 23.50
CA VAL B 442 -13.98 -20.51 24.64
C VAL B 442 -12.68 -19.69 24.65
N LEU B 443 -12.91 -18.41 24.96
CA LEU B 443 -11.95 -17.33 24.94
C LEU B 443 -11.23 -17.14 26.27
N LEU B 444 -9.94 -17.49 26.43
CA LEU B 444 -9.17 -17.38 27.67
C LEU B 444 -8.50 -15.99 27.83
N THR B 445 -9.05 -15.06 28.60
CA THR B 445 -8.37 -13.78 28.81
C THR B 445 -7.06 -13.93 29.58
N LEU B 446 -5.95 -13.37 29.15
CA LEU B 446 -4.72 -13.40 29.93
C LEU B 446 -4.44 -11.95 30.28
N THR B 447 -4.09 -11.80 31.55
CA THR B 447 -3.78 -10.55 32.21
C THR B 447 -2.29 -10.27 32.37
N PRO B 448 -1.86 -9.02 32.53
CA PRO B 448 -0.46 -8.56 32.65
C PRO B 448 0.51 -9.31 33.58
N CYS B 449 1.77 -9.55 33.21
CA CYS B 449 2.74 -10.11 34.13
C CYS B 449 4.18 -9.85 33.65
#